data_5COY
#
_entry.id   5COY
#
_cell.length_a   23.601
_cell.length_b   56.196
_cell.length_c   94.168
_cell.angle_alpha   90.00
_cell.angle_beta   90.00
_cell.angle_gamma   90.00
#
_symmetry.space_group_name_H-M   'P 21 21 21'
#
loop_
_entity.id
_entity.type
_entity.pdbx_description
1 polymer 'C-C motif chemokine 5'
2 branched alpha-D-fructofuranose-(2-1)-alpha-D-glucopyranose
3 non-polymer 'PHOSPHATE ION'
4 non-polymer DI(HYDROXYETHYL)ETHER
5 water water
#
_entity_poly.entity_id   1
_entity_poly.type   'polypeptide(L)'
_entity_poly.pdbx_seq_one_letter_code
;SSDTTPCCFAYIARPLPRAHIKEYFYTSGKCSNPAVVFVTRKNRQVCANPEKKWVREYINSLEMS
;
_entity_poly.pdbx_strand_id   A,B
#
# COMPACT_ATOMS: atom_id res chain seq x y z
N SER A 1 1.06 -0.10 -11.79
CA SER A 1 1.43 1.26 -11.39
C SER A 1 2.89 1.30 -10.94
N SER A 2 3.54 2.45 -11.09
CA SER A 2 4.87 2.62 -10.48
C SER A 2 4.77 3.38 -9.15
N ASP A 3 3.56 3.59 -8.66
CA ASP A 3 3.35 4.02 -7.27
C ASP A 3 3.13 2.81 -6.39
N THR A 4 3.29 2.97 -5.08
CA THR A 4 2.95 1.88 -4.18
C THR A 4 1.47 1.53 -4.27
N THR A 5 1.16 0.29 -3.91
CA THR A 5 -0.24 -0.13 -3.83
C THR A 5 -0.38 -0.96 -2.57
N PRO A 6 -1.54 -0.86 -1.90
CA PRO A 6 -1.68 -1.52 -0.60
C PRO A 6 -1.88 -3.02 -0.73
N CYS A 7 -1.14 -3.78 0.06
CA CYS A 7 -1.37 -5.21 0.17
C CYS A 7 -1.65 -5.55 1.63
N CYS A 8 -2.31 -6.68 1.84
CA CYS A 8 -2.59 -7.19 3.19
C CYS A 8 -1.76 -8.39 3.52
N PHE A 9 -1.17 -8.40 4.72
CA PHE A 9 -0.39 -9.55 5.18
C PHE A 9 -0.93 -10.18 6.45
N ALA A 10 -2.00 -9.61 6.99
CA ALA A 10 -2.74 -10.25 8.06
C ALA A 10 -4.20 -9.90 7.84
N TYR A 11 -5.10 -10.75 8.32
CA TYR A 11 -6.52 -10.48 8.27
C TYR A 11 -7.08 -10.29 9.66
N ILE A 12 -8.05 -9.40 9.83
CA ILE A 12 -8.74 -9.32 11.12
C ILE A 12 -9.40 -10.66 11.43
N ALA A 13 -9.30 -11.12 12.67
CA ALA A 13 -9.70 -12.49 12.99
C ALA A 13 -11.20 -12.66 13.20
N ARG A 14 -11.87 -11.58 13.56
CA ARG A 14 -13.30 -11.64 13.86
C ARG A 14 -14.01 -10.48 13.16
N PRO A 15 -15.32 -10.60 12.94
CA PRO A 15 -16.04 -9.55 12.21
C PRO A 15 -15.96 -8.20 12.89
N LEU A 16 -15.65 -7.18 12.10
CA LEU A 16 -15.85 -5.80 12.49
C LEU A 16 -17.33 -5.57 12.66
N PRO A 17 -17.73 -4.64 13.52
CA PRO A 17 -19.15 -4.30 13.58
C PRO A 17 -19.60 -3.70 12.25
N ARG A 18 -20.64 -4.28 11.67
CA ARG A 18 -21.14 -3.89 10.36
C ARG A 18 -21.38 -2.39 10.27
N ALA A 19 -21.99 -1.83 11.32
CA ALA A 19 -22.39 -0.42 11.27
C ALA A 19 -21.19 0.53 11.24
N HIS A 20 -20.01 0.02 11.52
CA HIS A 20 -18.82 0.86 11.46
C HIS A 20 -18.20 0.89 10.10
N ILE A 21 -18.74 0.13 9.15
CA ILE A 21 -18.10 0.02 7.85
C ILE A 21 -18.89 0.77 6.79
N LYS A 22 -18.22 1.62 6.02
CA LYS A 22 -18.95 2.39 5.01
C LYS A 22 -18.55 2.07 3.57
N GLU A 23 -17.39 1.43 3.37
CA GLU A 23 -16.87 1.15 2.03
C GLU A 23 -15.99 -0.09 2.06
N TYR A 24 -15.73 -0.63 0.88
CA TYR A 24 -14.74 -1.70 0.76
C TYR A 24 -14.00 -1.56 -0.57
N PHE A 25 -12.81 -2.14 -0.66
CA PHE A 25 -12.17 -2.36 -1.95
C PHE A 25 -11.36 -3.65 -1.91
N TYR A 26 -11.03 -4.15 -3.09
CA TYR A 26 -10.16 -5.32 -3.18
C TYR A 26 -8.73 -4.86 -3.38
N THR A 27 -7.77 -5.48 -2.70
CA THR A 27 -6.39 -5.17 -2.98
C THR A 27 -6.03 -5.70 -4.34
N SER A 28 -4.98 -5.14 -4.93
CA SER A 28 -4.49 -5.55 -6.24
C SER A 28 -4.26 -7.05 -6.38
N GLY A 29 -4.61 -7.59 -7.54
CA GLY A 29 -4.28 -8.98 -7.86
C GLY A 29 -2.78 -9.26 -7.91
N LYS A 30 -1.95 -8.22 -7.89
CA LYS A 30 -0.49 -8.41 -7.85
C LYS A 30 -0.01 -8.83 -6.46
N CYS A 31 -0.81 -8.54 -5.44
CA CYS A 31 -0.45 -8.89 -4.06
C CYS A 31 -0.42 -10.41 -3.86
N SER A 32 0.36 -10.86 -2.89
CA SER A 32 0.48 -12.29 -2.66
C SER A 32 -0.82 -12.89 -2.10
N ASN A 33 -1.57 -12.11 -1.33
CA ASN A 33 -2.84 -12.57 -0.73
C ASN A 33 -4.02 -11.85 -1.35
N PRO A 34 -5.12 -12.55 -1.62
CA PRO A 34 -6.32 -11.78 -1.95
C PRO A 34 -6.82 -11.11 -0.67
N ALA A 35 -7.43 -9.95 -0.78
CA ALA A 35 -7.92 -9.31 0.43
C ALA A 35 -9.02 -8.35 0.11
N VAL A 36 -9.90 -8.16 1.09
CA VAL A 36 -10.86 -7.08 1.08
C VAL A 36 -10.38 -6.11 2.13
N VAL A 37 -10.40 -4.82 1.83
CA VAL A 37 -10.11 -3.79 2.80
C VAL A 37 -11.40 -3.07 3.09
N PHE A 38 -11.85 -3.14 4.33
CA PHE A 38 -13.02 -2.39 4.76
C PHE A 38 -12.58 -1.03 5.26
N VAL A 39 -13.31 0.00 4.89
CA VAL A 39 -13.03 1.36 5.33
C VAL A 39 -14.08 1.72 6.37
N THR A 40 -13.62 2.10 7.55
CA THR A 40 -14.55 2.37 8.63
C THR A 40 -15.04 3.79 8.63
N ARG A 41 -16.01 4.08 9.49
CA ARG A 41 -16.54 5.45 9.50
C ARG A 41 -15.59 6.45 10.15
N LYS A 42 -14.52 5.97 10.79
CA LYS A 42 -13.43 6.85 11.21
C LYS A 42 -12.29 6.78 10.19
N ASN A 43 -12.60 6.25 9.00
CA ASN A 43 -11.68 6.17 7.87
C ASN A 43 -10.44 5.33 8.12
N ARG A 44 -10.57 4.35 9.02
CA ARG A 44 -9.54 3.32 9.20
C ARG A 44 -9.67 2.29 8.09
N GLN A 45 -8.57 1.62 7.77
CA GLN A 45 -8.62 0.57 6.77
C GLN A 45 -8.28 -0.76 7.41
N VAL A 46 -9.14 -1.75 7.20
CA VAL A 46 -9.00 -3.05 7.85
C VAL A 46 -9.01 -4.21 6.86
N CYS A 47 -7.96 -5.03 6.90
CA CYS A 47 -7.80 -6.17 6.00
C CYS A 47 -8.66 -7.33 6.45
N ALA A 48 -9.33 -7.97 5.49
CA ALA A 48 -10.21 -9.10 5.76
C ALA A 48 -10.10 -10.16 4.68
N ASN A 49 -10.40 -11.39 5.05
CA ASN A 49 -10.25 -12.53 4.15
C ASN A 49 -11.53 -12.77 3.35
N PRO A 50 -11.46 -12.64 2.02
CA PRO A 50 -12.61 -12.82 1.11
C PRO A 50 -13.28 -14.19 1.22
N GLU A 51 -12.57 -15.16 1.77
CA GLU A 51 -13.08 -16.52 1.88
C GLU A 51 -14.11 -16.64 3.00
N LYS A 52 -14.05 -15.72 3.96
CA LYS A 52 -14.93 -15.83 5.12
C LYS A 52 -16.35 -15.39 4.82
N LYS A 53 -17.31 -16.12 5.36
CA LYS A 53 -18.72 -15.83 5.15
C LYS A 53 -19.09 -14.39 5.50
N TRP A 54 -18.66 -13.92 6.66
CA TRP A 54 -19.07 -12.58 7.09
C TRP A 54 -18.55 -11.50 6.13
N VAL A 55 -17.38 -11.73 5.57
CA VAL A 55 -16.79 -10.78 4.64
C VAL A 55 -17.63 -10.68 3.37
N ARG A 56 -18.03 -11.81 2.81
CA ARG A 56 -18.90 -11.79 1.61
C ARG A 56 -20.25 -11.18 1.94
N GLU A 57 -20.77 -11.46 3.13
CA GLU A 57 -22.04 -10.88 3.56
C GLU A 57 -21.96 -9.36 3.69
N TYR A 58 -20.88 -8.86 4.28
CA TYR A 58 -20.69 -7.41 4.40
C TYR A 58 -20.61 -6.76 3.03
N ILE A 59 -19.87 -7.40 2.12
CA ILE A 59 -19.78 -6.90 0.76
C ILE A 59 -21.15 -6.83 0.10
N ASN A 60 -21.91 -7.91 0.19
CA ASN A 60 -23.25 -7.93 -0.40
C ASN A 60 -24.10 -6.78 0.19
N SER A 61 -24.01 -6.58 1.50
CA SER A 61 -24.79 -5.53 2.16
C SER A 61 -24.38 -4.13 1.66
N LEU A 62 -23.07 -3.88 1.55
CA LEU A 62 -22.54 -2.61 1.08
C LEU A 62 -22.96 -2.26 -0.35
N GLU A 63 -23.21 -3.27 -1.18
CA GLU A 63 -23.64 -3.02 -2.55
C GLU A 63 -25.16 -2.83 -2.68
N MET A 64 -25.87 -3.04 -1.59
CA MET A 64 -27.34 -2.96 -1.59
C MET A 64 -27.91 -1.55 -1.55
N SER A 65 -27.06 -0.57 -1.26
CA SER A 65 -27.51 0.81 -1.23
C SER A 65 -26.32 1.74 -1.24
CA SER B 1 -5.01 3.89 10.90
C SER B 1 -5.31 2.82 9.84
N SER B 2 -4.26 2.33 9.18
CA SER B 2 -4.45 1.33 8.12
C SER B 2 -3.56 0.10 8.36
N ASP B 3 -4.12 -1.11 8.25
CA ASP B 3 -3.28 -2.30 8.40
C ASP B 3 -2.81 -2.90 7.07
N THR B 4 -3.01 -2.17 5.99
CA THR B 4 -2.35 -2.51 4.73
C THR B 4 -0.88 -2.11 4.79
N THR B 5 -0.11 -2.64 3.85
CA THR B 5 1.33 -2.39 3.72
C THR B 5 1.57 -1.95 2.28
N PRO B 6 2.31 -0.86 2.05
CA PRO B 6 2.59 -0.44 0.66
C PRO B 6 3.61 -1.35 0.00
N CYS B 7 3.28 -1.84 -1.19
CA CYS B 7 4.23 -2.65 -1.96
C CYS B 7 4.39 -2.11 -3.36
N CYS B 8 5.51 -2.46 -3.97
CA CYS B 8 5.83 -2.02 -5.33
C CYS B 8 5.82 -3.16 -6.32
N PHE B 9 5.25 -2.93 -7.51
CA PHE B 9 5.20 -3.95 -8.55
C PHE B 9 5.75 -3.48 -9.88
N ALA B 10 6.16 -2.23 -9.93
CA ALA B 10 6.88 -1.69 -11.07
C ALA B 10 7.72 -0.53 -10.57
N TYR B 11 8.77 -0.19 -11.31
CA TYR B 11 9.67 0.90 -10.93
C TYR B 11 9.55 2.05 -11.92
N ILE B 12 9.67 3.27 -11.43
CA ILE B 12 9.70 4.43 -12.32
C ILE B 12 10.85 4.27 -13.31
N ALA B 13 10.62 4.63 -14.57
CA ALA B 13 11.56 4.27 -15.63
C ALA B 13 12.72 5.26 -15.80
N ARG B 14 12.56 6.46 -15.27
CA ARG B 14 13.56 7.52 -15.38
C ARG B 14 13.74 8.16 -14.01
N PRO B 15 14.88 8.81 -13.77
CA PRO B 15 15.06 9.42 -12.45
C PRO B 15 14.01 10.50 -12.17
N LEU B 16 13.47 10.45 -10.96
CA LEU B 16 12.59 11.50 -10.46
C LEU B 16 13.40 12.76 -10.32
N PRO B 17 12.76 13.92 -10.47
CA PRO B 17 13.52 15.14 -10.15
C PRO B 17 13.89 15.14 -8.66
N ARG B 18 15.18 15.29 -8.38
CA ARG B 18 15.67 15.27 -7.00
C ARG B 18 15.01 16.35 -6.16
N ALA B 19 14.75 17.51 -6.78
CA ALA B 19 14.15 18.62 -6.08
C ALA B 19 12.75 18.31 -5.53
N HIS B 20 12.08 17.33 -6.13
CA HIS B 20 10.72 17.04 -5.75
C HIS B 20 10.61 16.08 -4.56
N ILE B 21 11.70 15.52 -4.11
CA ILE B 21 11.65 14.43 -3.13
C ILE B 21 11.85 14.94 -1.73
N LYS B 22 10.99 14.56 -0.80
CA LYS B 22 11.26 14.97 0.57
C LYS B 22 11.79 13.86 1.49
N GLU B 23 11.52 12.59 1.18
CA GLU B 23 12.13 11.51 1.95
C GLU B 23 12.04 10.21 1.17
N TYR B 24 12.64 9.14 1.70
CA TYR B 24 12.48 7.82 1.11
C TYR B 24 12.25 6.78 2.20
N PHE B 25 11.77 5.61 1.82
CA PHE B 25 11.82 4.45 2.71
C PHE B 25 11.94 3.21 1.84
N TYR B 26 12.39 2.11 2.44
CA TYR B 26 12.39 0.81 1.76
C TYR B 26 11.06 0.11 2.04
N THR B 27 10.46 -0.52 1.02
CA THR B 27 9.26 -1.29 1.30
C THR B 27 9.58 -2.48 2.20
N SER B 28 8.55 -2.91 2.91
CA SER B 28 8.62 -4.05 3.82
C SER B 28 9.15 -5.30 3.18
N GLY B 29 9.90 -6.09 3.94
CA GLY B 29 10.34 -7.40 3.52
C GLY B 29 9.19 -8.36 3.29
N LYS B 30 8.00 -8.02 3.76
CA LYS B 30 6.81 -8.81 3.45
C LYS B 30 6.46 -8.78 1.96
N CYS B 31 6.78 -7.67 1.29
CA CYS B 31 6.49 -7.50 -0.15
C CYS B 31 7.37 -8.41 -1.00
N SER B 32 6.88 -8.86 -2.14
CA SER B 32 7.62 -9.82 -2.96
C SER B 32 8.81 -9.22 -3.68
N ASN B 33 8.73 -7.94 -4.02
CA ASN B 33 9.79 -7.21 -4.71
C ASN B 33 10.47 -6.25 -3.77
N PRO B 34 11.80 -6.18 -3.80
CA PRO B 34 12.49 -5.12 -3.06
C PRO B 34 12.22 -3.79 -3.75
N ALA B 35 12.12 -2.73 -2.98
CA ALA B 35 11.90 -1.43 -3.59
C ALA B 35 12.30 -0.31 -2.66
N VAL B 36 12.66 0.80 -3.28
CA VAL B 36 12.81 2.07 -2.63
C VAL B 36 11.58 2.89 -2.98
N VAL B 37 11.00 3.57 -2.01
CA VAL B 37 9.90 4.48 -2.27
C VAL B 37 10.39 5.90 -2.03
N PHE B 38 10.35 6.74 -3.07
CA PHE B 38 10.58 8.18 -2.88
C PHE B 38 9.27 8.89 -2.71
N VAL B 39 9.18 9.69 -1.64
CA VAL B 39 7.95 10.41 -1.35
C VAL B 39 8.15 11.86 -1.78
N THR B 40 7.30 12.33 -2.68
CA THR B 40 7.46 13.68 -3.23
C THR B 40 6.81 14.75 -2.36
N ARG B 41 7.05 16.01 -2.72
CA ARG B 41 6.49 17.11 -1.95
C ARG B 41 4.96 17.08 -1.95
N LYS B 42 4.35 16.54 -3.00
CA LYS B 42 2.89 16.39 -3.03
C LYS B 42 2.42 14.99 -2.63
N ASN B 43 3.29 14.30 -1.91
CA ASN B 43 2.97 13.02 -1.26
C ASN B 43 2.72 11.84 -2.18
N ARG B 44 3.25 11.87 -3.39
CA ARG B 44 3.28 10.67 -4.18
C ARG B 44 4.27 9.68 -3.56
N GLN B 45 3.96 8.41 -3.66
CA GLN B 45 4.88 7.36 -3.21
C GLN B 45 5.36 6.60 -4.43
N VAL B 46 6.53 7.00 -4.94
CA VAL B 46 7.04 6.50 -6.22
C VAL B 46 8.00 5.36 -6.01
N CYS B 47 7.74 4.22 -6.64
CA CYS B 47 8.61 3.04 -6.53
C CYS B 47 9.84 3.14 -7.40
N ALA B 48 10.99 2.75 -6.86
CA ALA B 48 12.26 2.81 -7.62
C ALA B 48 13.10 1.58 -7.34
N ASN B 49 13.93 1.25 -8.33
CA ASN B 49 14.71 0.04 -8.27
C ASN B 49 15.96 0.26 -7.45
N PRO B 50 16.10 -0.47 -6.33
CA PRO B 50 17.23 -0.28 -5.41
C PRO B 50 18.59 -0.53 -6.06
N GLU B 51 18.63 -1.26 -7.19
CA GLU B 51 19.88 -1.57 -7.87
C GLU B 51 20.43 -0.42 -8.73
N LYS B 52 19.58 0.55 -9.08
CA LYS B 52 19.97 1.61 -10.00
C LYS B 52 20.88 2.64 -9.32
N LYS B 53 21.90 3.09 -10.05
CA LYS B 53 22.82 4.08 -9.50
C LYS B 53 22.10 5.35 -9.04
N TRP B 54 21.17 5.89 -9.83
CA TRP B 54 20.57 7.15 -9.40
C TRP B 54 19.81 6.98 -8.09
N VAL B 55 19.19 5.81 -7.90
CA VAL B 55 18.42 5.53 -6.70
C VAL B 55 19.34 5.51 -5.49
N ARG B 56 20.46 4.81 -5.62
CA ARG B 56 21.42 4.78 -4.53
C ARG B 56 21.99 6.17 -4.23
N GLU B 57 22.27 6.93 -5.29
CA GLU B 57 22.79 8.29 -5.10
C GLU B 57 21.77 9.17 -4.38
N TYR B 58 20.50 9.06 -4.76
CA TYR B 58 19.48 9.85 -4.08
C TYR B 58 19.36 9.49 -2.61
N ILE B 59 19.33 8.19 -2.31
CA ILE B 59 19.32 7.73 -0.94
C ILE B 59 20.48 8.30 -0.17
N ASN B 60 21.68 8.21 -0.74
CA ASN B 60 22.85 8.70 -0.03
C ASN B 60 22.68 10.19 0.27
N SER B 61 22.12 10.94 -0.66
CA SER B 61 21.90 12.37 -0.51
CA SER B 61 21.96 12.37 -0.46
C SER B 61 20.92 12.66 0.61
N LEU B 62 19.84 11.88 0.66
CA LEU B 62 18.81 12.07 1.68
C LEU B 62 19.38 11.73 3.08
N GLU B 63 20.29 10.76 3.15
CA GLU B 63 20.89 10.39 4.44
C GLU B 63 21.89 11.42 4.97
N MET B 64 22.35 12.33 4.10
CA MET B 64 23.30 13.37 4.50
C MET B 64 22.59 14.50 5.21
N SER B 65 21.26 14.51 5.06
CA SER B 65 20.41 15.51 5.68
C SER B 65 20.89 16.92 5.38
#